data_6Q02
#
_entry.id   6Q02
#
_cell.length_a   98.974
_cell.length_b   98.974
_cell.length_c   81.791
_cell.angle_alpha   90.000
_cell.angle_beta   90.000
_cell.angle_gamma   120.000
#
_symmetry.space_group_name_H-M   'P 61'
#
loop_
_entity.id
_entity.type
_entity.pdbx_description
1 polymer 'DNA polymerase eta'
2 polymer 'DNA Primer Strand'
3 polymer 'DNA template containing a cytarabin (AraC) residue'
4 non-polymer 'MAGNESIUM ION'
5 non-polymer "2'-deoxy-5'-O-[(R)-hydroxy{[(R)-hydroxy(phosphonooxy)phosphoryl]amino}phosphoryl]adenosine"
6 non-polymer GLYCEROL
7 water water
#
loop_
_entity_poly.entity_id
_entity_poly.type
_entity_poly.pdbx_seq_one_letter_code
_entity_poly.pdbx_strand_id
1 'polypeptide(L)'
;GPHMATGQDRVVALVDMDCFFVQVEQRQNPHLRNKPCAVVQYKSWKGGGIIAVSYEARAFGVTRSMWADDAKKLCPDLLL
AQVRESRGKANLTKYREASVEVMEIMSRFAVIERASIDEAYVDLTSAVQERLQKLQGQPISADLLPSTYIEGLPQGPTTA
EETVQKEGMRKQGLFQWLDSLQIDNLTSPDLQLTVGAVIVEEMRAAIERETGFQCSAGISHNKVLAKLACGLNKPNRQTL
VSHGSVPQLFSQMPIRKIRSLGGKLGASVIEILGIEYMGELTQFTESQLQSHFGEKNGSWLYAMCRGIEHDPVKPRQLPK
TIGCSKNFPGKTALATREQVQWWLLQLAQELEERLTKDRNDNDRVATQLVVSIRVQGDKRLSSLRRCCALTRYDAHKMSH
DAFTVIKNMNTSGIQTEWSPPLTMLFLCATKFSAS
;
A
2 'polydeoxyribonucleotide' (DT)(DG)(DC)(DA)(DC)(DT)(DG)(DT) P
3 'polydeoxyribonucleotide' (DC)(DA)(DT)(CAR)(DA)(DC)(DA)(DG)(DT)(DG)(DC)(DG) T
#
loop_
_chem_comp.id
_chem_comp.type
_chem_comp.name
_chem_comp.formula
CAR RNA linking 'CYTOSINE ARABINOSE-5'-PHOSPHATE' 'C9 H14 N3 O8 P'
DA DNA linking 2'-DEOXYADENOSINE-5'-MONOPHOSPHATE 'C10 H14 N5 O6 P'
DC DNA linking 2'-DEOXYCYTIDINE-5'-MONOPHOSPHATE 'C9 H14 N3 O7 P'
DG DNA linking 2'-DEOXYGUANOSINE-5'-MONOPHOSPHATE 'C10 H14 N5 O7 P'
DT DNA linking THYMIDINE-5'-MONOPHOSPHATE 'C10 H15 N2 O8 P'
DZ4 non-polymer 2'-deoxy-5'-O-[(R)-hydroxy{[(R)-hydroxy(phosphonooxy)phosphoryl]amino}phosphoryl]adenosine 'C10 H17 N6 O11 P3'
GOL non-polymer GLYCEROL 'C3 H8 O3'
MG non-polymer 'MAGNESIUM ION' 'Mg 2'
#
# COMPACT_ATOMS: atom_id res chain seq x y z
N PRO A 2 -18.40 19.90 -25.01
CA PRO A 2 -17.67 19.23 -26.09
C PRO A 2 -16.15 19.23 -25.86
N HIS A 3 -15.65 20.25 -25.16
CA HIS A 3 -14.23 20.38 -24.88
C HIS A 3 -13.89 20.11 -23.42
N MET A 4 -14.87 19.77 -22.60
CA MET A 4 -14.63 19.48 -21.19
C MET A 4 -14.10 18.06 -21.04
N ALA A 5 -12.89 17.93 -20.53
CA ALA A 5 -12.31 16.60 -20.32
C ALA A 5 -13.02 15.90 -19.17
N THR A 6 -13.11 14.58 -19.27
CA THR A 6 -13.83 13.77 -18.29
C THR A 6 -12.95 12.75 -17.58
N GLY A 7 -11.66 12.71 -17.87
CA GLY A 7 -10.77 11.78 -17.19
C GLY A 7 -11.16 10.33 -17.41
N GLN A 8 -11.48 9.96 -18.65
CA GLN A 8 -11.89 8.60 -18.98
C GLN A 8 -10.96 7.98 -20.03
N ASP A 9 -9.71 8.43 -20.08
CA ASP A 9 -8.78 8.00 -21.11
C ASP A 9 -8.04 6.71 -20.75
N ARG A 10 -7.99 6.34 -19.47
CA ARG A 10 -7.23 5.17 -19.03
C ARG A 10 -8.14 4.19 -18.30
N VAL A 11 -7.70 2.93 -18.30
CA VAL A 11 -8.24 1.90 -17.41
C VAL A 11 -7.14 1.55 -16.42
N VAL A 12 -7.37 1.85 -15.15
CA VAL A 12 -6.38 1.66 -14.09
C VAL A 12 -6.98 0.75 -13.03
N ALA A 13 -6.16 -0.14 -12.50
CA ALA A 13 -6.58 -1.06 -11.45
C ALA A 13 -5.59 -1.00 -10.30
N LEU A 14 -6.10 -1.21 -9.09
CA LEU A 14 -5.29 -1.32 -7.88
C LEU A 14 -5.62 -2.64 -7.22
N VAL A 15 -4.62 -3.53 -7.12
CA VAL A 15 -4.77 -4.83 -6.47
C VAL A 15 -4.13 -4.74 -5.09
N ASP A 16 -4.83 -5.25 -4.09
CA ASP A 16 -4.33 -5.24 -2.71
C ASP A 16 -4.61 -6.58 -2.07
N MET A 17 -3.57 -7.23 -1.58
CA MET A 17 -3.72 -8.54 -0.94
C MET A 17 -4.52 -8.40 0.34
N ASP A 18 -5.43 -9.34 0.56
CA ASP A 18 -6.22 -9.36 1.79
C ASP A 18 -5.37 -9.87 2.94
N CYS A 19 -5.44 -9.18 4.08
CA CYS A 19 -4.61 -9.45 5.26
C CYS A 19 -3.34 -10.19 4.88
N PHE A 20 -2.41 -9.49 4.22
CA PHE A 20 -1.35 -10.16 3.47
C PHE A 20 -0.46 -11.01 4.38
N PHE A 21 0.15 -10.39 5.40
CA PHE A 21 1.06 -11.15 6.26
C PHE A 21 0.36 -12.35 6.87
N VAL A 22 -0.92 -12.20 7.21
CA VAL A 22 -1.67 -13.33 7.76
C VAL A 22 -1.78 -14.45 6.74
N GLN A 23 -2.08 -14.12 5.48
CA GLN A 23 -2.18 -15.13 4.44
C GLN A 23 -0.85 -15.86 4.26
N VAL A 24 0.27 -15.12 4.29
CA VAL A 24 1.58 -15.75 4.15
C VAL A 24 1.77 -16.80 5.24
N GLU A 25 1.45 -16.45 6.49
CA GLU A 25 1.61 -17.40 7.58
C GLU A 25 0.58 -18.52 7.50
N GLN A 26 -0.62 -18.23 7.00
CA GLN A 26 -1.66 -19.26 6.90
C GLN A 26 -1.32 -20.28 5.83
N ARG A 27 -0.70 -19.84 4.73
CA ARG A 27 -0.23 -20.78 3.72
C ARG A 27 0.82 -21.71 4.31
N GLN A 28 1.74 -21.17 5.10
CA GLN A 28 2.83 -21.96 5.67
C GLN A 28 2.33 -22.91 6.75
N ASN A 29 1.38 -22.46 7.57
CA ASN A 29 0.86 -23.25 8.68
C ASN A 29 -0.64 -23.46 8.48
N PRO A 30 -1.07 -24.61 7.95
CA PRO A 30 -2.50 -24.83 7.74
C PRO A 30 -3.35 -24.73 9.01
N HIS A 31 -2.76 -24.94 10.19
CA HIS A 31 -3.52 -24.85 11.42
C HIS A 31 -4.08 -23.46 11.66
N LEU A 32 -3.56 -22.44 10.98
CA LEU A 32 -4.03 -21.08 11.13
C LEU A 32 -5.12 -20.70 10.14
N ARG A 33 -5.37 -21.54 9.14
CA ARG A 33 -6.31 -21.18 8.08
C ARG A 33 -7.73 -21.15 8.62
N ASN A 34 -8.48 -20.12 8.21
CA ASN A 34 -9.90 -19.99 8.54
C ASN A 34 -10.12 -19.85 10.04
N LYS A 35 -9.19 -19.21 10.73
CA LYS A 35 -9.27 -18.96 12.16
C LYS A 35 -9.07 -17.48 12.43
N PRO A 36 -9.51 -16.99 13.59
CA PRO A 36 -9.08 -15.67 14.02
C PRO A 36 -7.59 -15.68 14.34
N CYS A 37 -6.78 -15.02 13.52
N CYS A 37 -6.80 -14.97 13.53
CA CYS A 37 -5.35 -15.01 13.77
CA CYS A 37 -5.36 -15.02 13.59
C CYS A 37 -4.76 -13.69 13.34
C CYS A 37 -4.79 -13.62 13.37
N ALA A 38 -3.57 -13.41 13.86
CA ALA A 38 -2.88 -12.15 13.63
C ALA A 38 -1.38 -12.42 13.60
N VAL A 39 -0.66 -11.56 12.88
CA VAL A 39 0.79 -11.60 12.85
C VAL A 39 1.30 -10.56 13.83
N VAL A 40 2.25 -10.96 14.68
N VAL A 40 2.23 -10.96 14.70
CA VAL A 40 2.71 -10.13 15.78
CA VAL A 40 2.71 -10.10 15.78
C VAL A 40 4.22 -9.92 15.66
C VAL A 40 4.21 -9.90 15.64
N GLN A 41 4.67 -8.77 16.15
CA GLN A 41 6.08 -8.38 16.12
C GLN A 41 6.61 -8.39 17.54
N TYR A 42 7.62 -9.23 17.81
CA TYR A 42 8.15 -9.38 19.16
C TYR A 42 7.07 -9.98 20.07
N LYS A 43 7.41 -10.21 21.34
CA LYS A 43 6.47 -10.92 22.22
C LYS A 43 6.58 -10.48 23.68
N SER A 44 7.61 -9.71 24.02
CA SER A 44 7.89 -9.43 25.42
C SER A 44 7.06 -8.27 25.96
N TRP A 45 6.84 -7.23 25.15
CA TRP A 45 6.06 -6.07 25.60
C TRP A 45 4.59 -6.32 25.25
N LYS A 46 3.83 -6.84 26.22
CA LYS A 46 2.39 -7.03 26.08
C LYS A 46 2.06 -8.01 24.96
N GLY A 47 2.86 -9.07 24.85
CA GLY A 47 2.63 -10.10 23.86
C GLY A 47 2.99 -9.73 22.44
N GLY A 48 3.51 -8.53 22.21
CA GLY A 48 3.93 -8.12 20.88
C GLY A 48 2.90 -7.23 20.20
N GLY A 49 3.38 -6.45 19.23
CA GLY A 49 2.52 -5.55 18.49
C GLY A 49 1.94 -6.23 17.26
N ILE A 50 0.63 -6.06 17.07
CA ILE A 50 -0.06 -6.66 15.93
C ILE A 50 0.15 -5.78 14.70
N ILE A 51 0.53 -6.41 13.59
CA ILE A 51 0.69 -5.70 12.32
C ILE A 51 -0.22 -6.23 11.22
N ALA A 52 -0.91 -7.36 11.43
CA ALA A 52 -1.82 -7.89 10.44
C ALA A 52 -2.86 -8.75 11.15
N VAL A 53 -4.10 -8.70 10.67
CA VAL A 53 -5.24 -9.30 11.36
C VAL A 53 -6.12 -10.00 10.35
N SER A 54 -6.44 -11.27 10.60
CA SER A 54 -7.37 -11.98 9.73
C SER A 54 -8.78 -11.44 9.91
N TYR A 55 -9.59 -11.55 8.86
CA TYR A 55 -10.94 -11.00 8.89
C TYR A 55 -11.80 -11.70 9.94
N GLU A 56 -11.51 -12.98 10.25
CA GLU A 56 -12.21 -13.63 11.34
C GLU A 56 -11.93 -12.94 12.67
N ALA A 57 -10.69 -12.47 12.87
CA ALA A 57 -10.35 -11.79 14.10
C ALA A 57 -10.84 -10.35 14.12
N ARG A 58 -10.88 -9.68 12.96
CA ARG A 58 -11.38 -8.32 12.91
C ARG A 58 -12.82 -8.23 13.41
N ALA A 59 -13.59 -9.31 13.25
CA ALA A 59 -14.98 -9.32 13.73
C ALA A 59 -15.06 -9.20 15.25
N PHE A 60 -14.00 -9.57 15.97
CA PHE A 60 -13.92 -9.36 17.41
C PHE A 60 -13.38 -7.97 17.76
N GLY A 61 -13.05 -7.15 16.77
CA GLY A 61 -12.50 -5.84 17.02
C GLY A 61 -10.98 -5.77 17.06
N VAL A 62 -10.29 -6.85 16.70
CA VAL A 62 -8.83 -6.83 16.67
C VAL A 62 -8.37 -5.95 15.51
N THR A 63 -7.37 -5.11 15.79
CA THR A 63 -6.89 -4.15 14.80
C THR A 63 -5.37 -4.12 14.80
N ARG A 64 -4.82 -3.62 13.70
CA ARG A 64 -3.40 -3.32 13.62
C ARG A 64 -3.00 -2.34 14.71
N SER A 65 -1.77 -2.50 15.21
CA SER A 65 -1.15 -1.66 16.23
C SER A 65 -1.58 -2.07 17.64
N MET A 66 -2.49 -3.03 17.78
CA MET A 66 -2.84 -3.52 19.10
C MET A 66 -1.71 -4.35 19.69
N TRP A 67 -1.58 -4.29 21.01
CA TRP A 67 -0.75 -5.26 21.72
C TRP A 67 -1.49 -6.59 21.81
N ALA A 68 -0.76 -7.68 21.61
CA ALA A 68 -1.41 -8.99 21.53
C ALA A 68 -2.14 -9.33 22.82
N ASP A 69 -1.63 -8.90 23.97
CA ASP A 69 -2.33 -9.16 25.23
C ASP A 69 -3.70 -8.49 25.24
N ASP A 70 -3.80 -7.29 24.66
CA ASP A 70 -5.08 -6.59 24.60
C ASP A 70 -5.99 -7.22 23.55
N ALA A 71 -5.44 -7.61 22.40
CA ALA A 71 -6.22 -8.33 21.42
C ALA A 71 -6.82 -9.60 22.00
N LYS A 72 -6.06 -10.30 22.84
CA LYS A 72 -6.56 -11.51 23.48
C LYS A 72 -7.76 -11.22 24.37
N LYS A 73 -7.89 -9.99 24.88
CA LYS A 73 -9.04 -9.64 25.69
C LYS A 73 -10.31 -9.58 24.85
N LEU A 74 -10.21 -9.13 23.61
CA LEU A 74 -11.35 -9.13 22.71
C LEU A 74 -11.58 -10.49 22.06
N CYS A 75 -10.51 -11.25 21.84
CA CYS A 75 -10.57 -12.52 21.12
C CYS A 75 -9.72 -13.53 21.88
N PRO A 76 -10.29 -14.22 22.88
CA PRO A 76 -9.48 -15.15 23.67
C PRO A 76 -8.86 -16.29 22.86
N ASP A 77 -9.51 -16.72 21.78
CA ASP A 77 -8.99 -17.79 20.95
C ASP A 77 -8.14 -17.29 19.79
N LEU A 78 -7.71 -16.03 19.84
CA LEU A 78 -6.86 -15.49 18.78
C LEU A 78 -5.58 -16.30 18.66
N LEU A 79 -5.24 -16.69 17.43
CA LEU A 79 -3.99 -17.37 17.15
C LEU A 79 -2.97 -16.37 16.62
N LEU A 80 -1.69 -16.64 16.88
CA LEU A 80 -0.64 -15.68 16.60
C LEU A 80 0.52 -16.36 15.88
N ALA A 81 0.92 -15.81 14.75
CA ALA A 81 2.20 -16.08 14.13
C ALA A 81 3.08 -14.87 14.34
N GLN A 82 4.32 -15.07 14.76
CA GLN A 82 5.19 -13.95 15.07
C GLN A 82 6.25 -13.79 13.99
N VAL A 83 6.64 -12.54 13.77
CA VAL A 83 7.60 -12.21 12.73
C VAL A 83 8.95 -12.83 13.07
N ARG A 84 9.66 -13.30 12.05
CA ARG A 84 10.99 -13.83 12.25
C ARG A 84 11.90 -12.76 12.83
N GLU A 85 12.78 -13.17 13.73
CA GLU A 85 13.76 -12.29 14.34
C GLU A 85 15.15 -12.74 13.94
N SER A 86 15.97 -11.76 13.60
CA SER A 86 17.33 -12.03 13.16
C SER A 86 18.22 -10.90 13.60
N ARG A 87 19.41 -11.26 14.11
CA ARG A 87 20.37 -10.28 14.59
C ARG A 87 19.71 -9.26 15.50
N GLY A 88 18.87 -9.76 16.42
CA GLY A 88 18.23 -8.92 17.40
C GLY A 88 17.05 -8.11 16.92
N LYS A 89 16.61 -8.26 15.67
CA LYS A 89 15.51 -7.43 15.16
C LYS A 89 14.55 -8.25 14.33
N ALA A 90 13.35 -7.67 14.14
CA ALA A 90 12.36 -8.26 13.25
C ALA A 90 12.87 -8.24 11.81
N ASN A 91 12.54 -9.29 11.07
CA ASN A 91 13.04 -9.50 9.73
C ASN A 91 11.86 -9.89 8.85
N LEU A 92 11.62 -9.11 7.78
CA LEU A 92 10.43 -9.22 6.96
C LEU A 92 10.69 -9.92 5.63
N THR A 93 11.77 -10.69 5.54
CA THR A 93 12.14 -11.31 4.27
C THR A 93 11.01 -12.18 3.72
N LYS A 94 10.38 -12.99 4.58
CA LYS A 94 9.32 -13.89 4.13
C LYS A 94 8.24 -13.12 3.38
N TYR A 95 7.91 -11.92 3.85
CA TYR A 95 6.82 -11.15 3.26
C TYR A 95 7.28 -10.43 1.99
N ARG A 96 8.52 -9.93 1.99
CA ARG A 96 9.04 -9.35 0.76
C ARG A 96 9.11 -10.38 -0.36
N GLU A 97 9.55 -11.60 -0.04
CA GLU A 97 9.61 -12.65 -1.05
C GLU A 97 8.22 -13.07 -1.50
N ALA A 98 7.28 -13.20 -0.56
CA ALA A 98 5.90 -13.47 -0.95
C ALA A 98 5.35 -12.36 -1.84
N SER A 99 5.71 -11.11 -1.53
CA SER A 99 5.29 -10.01 -2.38
C SER A 99 5.82 -10.18 -3.80
N VAL A 100 7.08 -10.61 -3.94
CA VAL A 100 7.66 -10.78 -5.27
C VAL A 100 6.91 -11.85 -6.05
N GLU A 101 6.48 -12.92 -5.38
CA GLU A 101 5.64 -13.92 -6.03
C GLU A 101 4.46 -13.27 -6.73
N VAL A 102 3.73 -12.44 -6.00
CA VAL A 102 2.50 -11.85 -6.54
C VAL A 102 2.82 -10.82 -7.61
N MET A 103 3.85 -9.99 -7.40
CA MET A 103 4.18 -8.95 -8.36
C MET A 103 4.57 -9.53 -9.70
N GLU A 104 5.31 -10.64 -9.69
CA GLU A 104 5.76 -11.25 -10.95
C GLU A 104 4.59 -11.80 -11.74
N ILE A 105 3.57 -12.35 -11.06
CA ILE A 105 2.38 -12.82 -11.76
C ILE A 105 1.64 -11.65 -12.39
N MET A 106 1.44 -10.57 -11.61
CA MET A 106 0.72 -9.41 -12.14
C MET A 106 1.43 -8.85 -13.36
N SER A 107 2.76 -8.90 -13.38
CA SER A 107 3.52 -8.36 -14.50
CA SER A 107 3.53 -8.35 -14.49
C SER A 107 3.32 -9.12 -15.79
N ARG A 108 2.69 -10.31 -15.74
CA ARG A 108 2.42 -11.06 -16.96
C ARG A 108 1.26 -10.46 -17.74
N PHE A 109 0.41 -9.68 -17.10
CA PHE A 109 -0.76 -9.10 -17.75
C PHE A 109 -0.54 -7.66 -18.19
N ALA A 110 0.25 -6.89 -17.45
CA ALA A 110 0.45 -5.48 -17.76
C ALA A 110 1.59 -4.95 -16.92
N VAL A 111 2.09 -3.77 -17.29
CA VAL A 111 3.07 -3.08 -16.48
C VAL A 111 2.43 -2.68 -15.16
N ILE A 112 3.17 -2.83 -14.07
CA ILE A 112 2.64 -2.56 -12.74
C ILE A 112 3.51 -1.51 -12.05
N GLU A 113 2.90 -0.77 -11.14
CA GLU A 113 3.61 0.12 -10.23
C GLU A 113 3.50 -0.46 -8.83
N ARG A 114 4.60 -1.03 -8.33
CA ARG A 114 4.66 -1.49 -6.95
C ARG A 114 4.40 -0.32 -6.02
N ALA A 115 3.23 -0.29 -5.38
CA ALA A 115 2.87 0.81 -4.50
C ALA A 115 3.19 0.52 -3.03
N SER A 116 3.25 -0.75 -2.65
CA SER A 116 3.63 -1.15 -1.31
C SER A 116 4.01 -2.62 -1.35
N ILE A 117 4.25 -3.22 -0.18
CA ILE A 117 4.64 -4.63 -0.15
C ILE A 117 3.51 -5.54 -0.62
N ASP A 118 2.25 -5.08 -0.60
CA ASP A 118 1.13 -5.95 -0.95
C ASP A 118 0.14 -5.30 -1.91
N GLU A 119 0.52 -4.26 -2.64
CA GLU A 119 -0.40 -3.71 -3.62
C GLU A 119 0.36 -3.07 -4.76
N ALA A 120 -0.30 -3.03 -5.92
CA ALA A 120 0.30 -2.60 -7.17
C ALA A 120 -0.78 -1.98 -8.03
N TYR A 121 -0.43 -0.90 -8.71
CA TYR A 121 -1.32 -0.32 -9.71
C TYR A 121 -1.05 -0.94 -11.07
N VAL A 122 -2.09 -1.02 -11.88
CA VAL A 122 -2.02 -1.67 -13.18
C VAL A 122 -2.64 -0.74 -14.22
N ASP A 123 -1.90 -0.45 -15.28
CA ASP A 123 -2.43 0.30 -16.42
C ASP A 123 -2.92 -0.71 -17.46
N LEU A 124 -4.24 -0.85 -17.57
CA LEU A 124 -4.85 -1.85 -18.42
C LEU A 124 -5.34 -1.28 -19.74
N THR A 125 -5.03 -0.02 -20.05
CA THR A 125 -5.58 0.62 -21.24
C THR A 125 -5.23 -0.17 -22.49
N SER A 126 -3.99 -0.66 -22.59
CA SER A 126 -3.58 -1.40 -23.79
C SER A 126 -4.21 -2.79 -23.81
N ALA A 127 -4.13 -3.52 -22.69
CA ALA A 127 -4.70 -4.86 -22.65
C ALA A 127 -6.20 -4.83 -22.94
N VAL A 128 -6.89 -3.80 -22.49
CA VAL A 128 -8.34 -3.69 -22.75
C VAL A 128 -8.59 -3.59 -24.25
N GLN A 129 -7.83 -2.74 -24.94
CA GLN A 129 -8.01 -2.61 -26.39
C GLN A 129 -7.73 -3.94 -27.09
N GLU A 130 -6.67 -4.63 -26.69
CA GLU A 130 -6.38 -5.94 -27.29
C GLU A 130 -7.55 -6.90 -27.11
N ARG A 131 -8.10 -6.96 -25.89
CA ARG A 131 -9.24 -7.83 -25.64
C ARG A 131 -10.49 -7.35 -26.39
N LEU A 132 -10.64 -6.02 -26.53
CA LEU A 132 -11.81 -5.49 -27.22
C LEU A 132 -11.86 -5.94 -28.68
N GLN A 133 -10.69 -6.12 -29.30
CA GLN A 133 -10.65 -6.64 -30.66
C GLN A 133 -10.73 -8.16 -30.71
N LYS A 134 -10.20 -8.83 -29.67
CA LYS A 134 -10.25 -10.30 -29.65
C LYS A 134 -11.69 -10.80 -29.76
N LEU A 135 -12.63 -10.11 -29.12
CA LEU A 135 -14.04 -10.47 -29.21
C LEU A 135 -14.67 -9.74 -30.39
N GLN A 136 -15.38 -10.48 -31.24
CA GLN A 136 -16.02 -9.91 -32.42
C GLN A 136 -17.36 -9.29 -32.01
N GLY A 137 -17.26 -8.18 -31.28
CA GLY A 137 -18.45 -7.50 -30.78
C GLY A 137 -19.35 -8.39 -29.96
N GLN A 138 -18.78 -9.37 -29.26
CA GLN A 138 -19.58 -10.30 -28.46
C GLN A 138 -19.90 -9.69 -27.10
N PRO A 139 -21.11 -9.88 -26.58
CA PRO A 139 -21.45 -9.29 -25.29
C PRO A 139 -20.71 -9.96 -24.15
N ILE A 140 -20.45 -9.17 -23.10
CA ILE A 140 -19.73 -9.66 -21.93
C ILE A 140 -20.72 -10.40 -21.03
N SER A 141 -20.50 -11.69 -20.85
N SER A 141 -20.51 -11.68 -20.85
CA SER A 141 -21.33 -12.49 -19.98
CA SER A 141 -21.37 -12.48 -20.00
C SER A 141 -21.05 -12.18 -18.52
C SER A 141 -21.05 -12.21 -18.52
N ALA A 142 -22.10 -12.26 -17.69
CA ALA A 142 -21.93 -12.04 -16.26
C ALA A 142 -21.05 -13.12 -15.63
N ASP A 143 -20.88 -14.26 -16.29
CA ASP A 143 -20.03 -15.32 -15.77
C ASP A 143 -18.56 -14.96 -15.84
N LEU A 144 -18.19 -13.95 -16.62
CA LEU A 144 -16.81 -13.49 -16.65
C LEU A 144 -16.49 -12.51 -15.54
N LEU A 145 -17.50 -12.10 -14.76
CA LEU A 145 -17.32 -11.13 -13.69
C LEU A 145 -17.89 -11.69 -12.38
N PRO A 146 -17.41 -12.87 -11.97
CA PRO A 146 -18.07 -13.58 -10.84
C PRO A 146 -17.82 -12.95 -9.48
N SER A 147 -16.84 -12.04 -9.34
CA SER A 147 -16.58 -11.41 -8.04
C SER A 147 -16.57 -9.89 -8.14
N THR A 148 -17.19 -9.33 -9.18
CA THR A 148 -17.17 -7.89 -9.44
C THR A 148 -18.42 -7.23 -8.87
N TYR A 149 -18.22 -6.10 -8.20
CA TYR A 149 -19.28 -5.21 -7.79
C TYR A 149 -19.29 -3.98 -8.69
N ILE A 150 -20.47 -3.45 -8.98
CA ILE A 150 -20.62 -2.21 -9.72
C ILE A 150 -21.11 -1.17 -8.73
N GLU A 151 -20.25 -0.21 -8.40
CA GLU A 151 -20.59 0.80 -7.42
C GLU A 151 -21.76 1.65 -7.90
N GLY A 152 -22.75 1.84 -7.03
CA GLY A 152 -23.95 2.58 -7.34
C GLY A 152 -25.12 1.73 -7.78
N LEU A 153 -24.87 0.47 -8.16
CA LEU A 153 -25.93 -0.43 -8.58
C LEU A 153 -26.05 -1.60 -7.61
N PRO A 154 -27.24 -2.22 -7.49
CA PRO A 154 -28.46 -1.90 -8.23
C PRO A 154 -29.12 -0.62 -7.75
N GLN A 155 -30.07 -0.13 -8.54
CA GLN A 155 -30.78 1.09 -8.19
C GLN A 155 -32.10 1.10 -8.95
N GLY A 156 -32.95 2.07 -8.62
CA GLY A 156 -34.12 2.36 -9.41
C GLY A 156 -35.28 1.45 -9.05
N PRO A 157 -36.35 1.49 -9.84
CA PRO A 157 -37.52 0.67 -9.53
C PRO A 157 -37.33 -0.76 -9.98
N THR A 158 -37.98 -1.68 -9.26
CA THR A 158 -37.88 -3.10 -9.55
C THR A 158 -36.42 -3.55 -9.60
N THR A 163 -31.82 -10.99 -3.21
CA THR A 163 -32.79 -9.95 -2.88
C THR A 163 -32.41 -9.22 -1.60
N VAL A 164 -32.09 -9.99 -0.56
CA VAL A 164 -31.76 -9.43 0.75
C VAL A 164 -30.43 -10.02 1.24
N GLN A 165 -29.71 -10.69 0.35
CA GLN A 165 -28.39 -11.21 0.66
C GLN A 165 -27.35 -10.50 -0.20
N LYS A 166 -26.11 -10.45 0.28
CA LYS A 166 -25.08 -9.67 -0.39
C LYS A 166 -24.87 -10.15 -1.82
N GLU A 167 -24.70 -11.46 -2.00
CA GLU A 167 -24.46 -11.98 -3.35
C GLU A 167 -25.65 -11.68 -4.27
N GLY A 168 -26.86 -11.71 -3.73
CA GLY A 168 -28.02 -11.35 -4.53
C GLY A 168 -27.94 -9.90 -5.01
N MET A 169 -27.55 -8.99 -4.12
CA MET A 169 -27.36 -7.60 -4.51
C MET A 169 -26.30 -7.47 -5.59
N ARG A 170 -25.16 -8.15 -5.41
CA ARG A 170 -24.08 -8.07 -6.38
C ARG A 170 -24.56 -8.43 -7.77
N LYS A 171 -25.23 -9.59 -7.91
CA LYS A 171 -25.77 -9.99 -9.20
C LYS A 171 -26.73 -8.95 -9.75
N GLN A 172 -27.68 -8.50 -8.92
CA GLN A 172 -28.63 -7.48 -9.35
C GLN A 172 -27.92 -6.29 -9.97
N GLY A 173 -26.94 -5.72 -9.26
CA GLY A 173 -26.24 -4.56 -9.77
C GLY A 173 -25.44 -4.89 -11.03
N LEU A 174 -24.83 -6.07 -11.08
CA LEU A 174 -24.07 -6.47 -12.26
C LEU A 174 -24.96 -6.60 -13.48
N PHE A 175 -26.14 -7.21 -13.31
CA PHE A 175 -27.06 -7.37 -14.45
C PHE A 175 -27.50 -6.02 -14.99
N GLN A 176 -27.92 -5.10 -14.11
CA GLN A 176 -28.30 -3.77 -14.56
C GLN A 176 -27.16 -3.13 -15.36
N TRP A 177 -25.93 -3.27 -14.87
CA TRP A 177 -24.78 -2.69 -15.57
C TRP A 177 -24.64 -3.28 -16.96
N LEU A 178 -24.62 -4.62 -17.05
CA LEU A 178 -24.41 -5.28 -18.34
C LEU A 178 -25.56 -5.02 -19.30
N ASP A 179 -26.80 -5.08 -18.82
CA ASP A 179 -27.94 -4.94 -19.70
C ASP A 179 -27.97 -3.59 -20.41
N SER A 180 -27.31 -2.57 -19.86
CA SER A 180 -27.28 -1.25 -20.45
C SER A 180 -25.94 -0.91 -21.09
N LEU A 181 -25.05 -1.88 -21.23
CA LEU A 181 -23.73 -1.62 -21.79
C LEU A 181 -23.82 -1.48 -23.31
N GLN A 182 -23.10 -0.49 -23.84
CA GLN A 182 -23.10 -0.23 -25.28
C GLN A 182 -21.93 -0.98 -25.90
N ILE A 183 -22.17 -2.25 -26.22
CA ILE A 183 -21.12 -3.16 -26.66
C ILE A 183 -20.64 -2.85 -28.08
N ASP A 184 -21.42 -2.10 -28.86
CA ASP A 184 -21.03 -1.80 -30.24
C ASP A 184 -19.96 -0.72 -30.33
N ASN A 185 -19.77 0.06 -29.27
CA ASN A 185 -18.85 1.20 -29.28
C ASN A 185 -17.59 0.81 -28.52
N LEU A 186 -16.50 0.55 -29.25
CA LEU A 186 -15.24 0.18 -28.62
C LEU A 186 -14.58 1.34 -27.87
N THR A 187 -15.03 2.57 -28.10
CA THR A 187 -14.46 3.73 -27.43
C THR A 187 -15.23 4.11 -26.17
N SER A 188 -16.34 3.45 -25.86
CA SER A 188 -17.12 3.75 -24.68
C SER A 188 -16.29 3.51 -23.41
N PRO A 189 -16.08 4.52 -22.57
CA PRO A 189 -15.30 4.29 -21.34
C PRO A 189 -15.91 3.22 -20.44
N ASP A 190 -17.23 3.14 -20.34
CA ASP A 190 -17.86 2.16 -19.48
C ASP A 190 -17.53 0.74 -19.94
N LEU A 191 -17.60 0.50 -21.25
CA LEU A 191 -17.24 -0.81 -21.78
C LEU A 191 -15.78 -1.13 -21.53
N GLN A 192 -14.91 -0.11 -21.56
CA GLN A 192 -13.49 -0.34 -21.33
C GLN A 192 -13.22 -0.73 -19.89
N LEU A 193 -13.88 -0.08 -18.94
CA LEU A 193 -13.77 -0.50 -17.54
C LEU A 193 -14.25 -1.94 -17.36
N THR A 194 -15.35 -2.29 -18.04
CA THR A 194 -15.89 -3.64 -17.90
C THR A 194 -14.88 -4.69 -18.38
N VAL A 195 -14.31 -4.49 -19.56
CA VAL A 195 -13.28 -5.40 -20.05
C VAL A 195 -12.11 -5.42 -19.07
N GLY A 196 -11.71 -4.25 -18.58
CA GLY A 196 -10.67 -4.22 -17.55
C GLY A 196 -11.01 -5.09 -16.36
N ALA A 197 -12.27 -5.07 -15.93
CA ALA A 197 -12.70 -5.92 -14.83
C ALA A 197 -12.57 -7.39 -15.17
N VAL A 198 -12.86 -7.76 -16.42
CA VAL A 198 -12.68 -9.14 -16.85
C VAL A 198 -11.22 -9.56 -16.72
N ILE A 199 -10.30 -8.67 -17.12
CA ILE A 199 -8.89 -8.99 -17.03
C ILE A 199 -8.45 -9.09 -15.58
N VAL A 200 -8.97 -8.22 -14.71
CA VAL A 200 -8.61 -8.27 -13.30
C VAL A 200 -9.16 -9.53 -12.66
N GLU A 201 -10.34 -9.98 -13.07
CA GLU A 201 -10.84 -11.28 -12.63
C GLU A 201 -9.83 -12.37 -12.94
N GLU A 202 -9.32 -12.37 -14.17
CA GLU A 202 -8.34 -13.39 -14.57
C GLU A 202 -7.02 -13.22 -13.82
N MET A 203 -6.58 -11.97 -13.64
CA MET A 203 -5.35 -11.73 -12.88
C MET A 203 -5.48 -12.24 -11.45
N ARG A 204 -6.61 -11.94 -10.80
CA ARG A 204 -6.80 -12.40 -9.43
C ARG A 204 -6.95 -13.91 -9.34
N ALA A 205 -7.49 -14.53 -10.39
CA ALA A 205 -7.58 -15.99 -10.41
C ALA A 205 -6.19 -16.62 -10.53
N ALA A 206 -5.34 -16.04 -11.38
CA ALA A 206 -3.98 -16.55 -11.53
C ALA A 206 -3.19 -16.39 -10.23
N ILE A 207 -3.39 -15.28 -9.52
CA ILE A 207 -2.68 -15.07 -8.26
C ILE A 207 -3.04 -16.15 -7.25
N GLU A 208 -4.35 -16.40 -7.08
CA GLU A 208 -4.77 -17.38 -6.09
C GLU A 208 -4.36 -18.79 -6.49
N ARG A 209 -4.48 -19.12 -7.77
CA ARG A 209 -4.10 -20.46 -8.22
C ARG A 209 -2.61 -20.71 -7.99
N GLU A 210 -1.77 -19.72 -8.27
CA GLU A 210 -0.34 -19.92 -8.31
C GLU A 210 0.36 -19.60 -6.98
N THR A 211 -0.32 -18.96 -6.04
CA THR A 211 0.26 -18.67 -4.74
C THR A 211 -0.62 -19.05 -3.57
N GLY A 212 -1.93 -19.24 -3.77
CA GLY A 212 -2.85 -19.46 -2.67
C GLY A 212 -3.33 -18.19 -1.99
N PHE A 213 -2.87 -17.02 -2.42
CA PHE A 213 -3.23 -15.77 -1.80
C PHE A 213 -4.46 -15.17 -2.49
N GLN A 214 -5.39 -14.67 -1.69
CA GLN A 214 -6.54 -13.92 -2.17
C GLN A 214 -6.27 -12.42 -2.08
N CYS A 215 -7.02 -11.66 -2.85
CA CYS A 215 -6.84 -10.22 -2.88
C CYS A 215 -8.13 -9.55 -3.35
N SER A 216 -8.18 -8.24 -3.16
CA SER A 216 -9.24 -7.39 -3.70
C SER A 216 -8.64 -6.45 -4.72
N ALA A 217 -9.52 -5.85 -5.52
CA ALA A 217 -9.06 -4.93 -6.56
C ALA A 217 -10.12 -3.87 -6.80
N GLY A 218 -9.66 -2.71 -7.27
CA GLY A 218 -10.54 -1.66 -7.76
C GLY A 218 -10.20 -1.36 -9.21
N ILE A 219 -11.25 -1.13 -10.01
CA ILE A 219 -11.08 -0.83 -11.43
C ILE A 219 -11.77 0.50 -11.69
N SER A 220 -11.03 1.45 -12.24
CA SER A 220 -11.59 2.75 -12.59
C SER A 220 -10.70 3.39 -13.64
N HIS A 221 -10.75 4.72 -13.73
CA HIS A 221 -10.03 5.47 -14.76
C HIS A 221 -8.74 6.10 -14.25
N ASN A 222 -8.51 6.12 -12.95
CA ASN A 222 -7.28 6.68 -12.40
C ASN A 222 -6.93 5.92 -11.12
N LYS A 223 -5.79 6.30 -10.53
CA LYS A 223 -5.26 5.56 -9.39
C LYS A 223 -6.05 5.85 -8.12
N VAL A 224 -6.51 7.09 -7.94
CA VAL A 224 -7.21 7.44 -6.71
C VAL A 224 -8.57 6.73 -6.67
N LEU A 225 -9.28 6.68 -7.80
CA LEU A 225 -10.57 5.98 -7.82
C LEU A 225 -10.37 4.47 -7.74
N ALA A 226 -9.34 3.95 -8.42
CA ALA A 226 -9.05 2.52 -8.33
C ALA A 226 -8.75 2.12 -6.89
N LYS A 227 -7.89 2.88 -6.22
CA LYS A 227 -7.62 2.64 -4.81
C LYS A 227 -8.91 2.71 -3.98
N LEU A 228 -9.65 3.80 -4.12
CA LEU A 228 -10.89 3.95 -3.37
C LEU A 228 -11.86 2.81 -3.64
N ALA A 229 -11.96 2.38 -4.91
CA ALA A 229 -12.86 1.29 -5.27
C ALA A 229 -12.44 -0.01 -4.60
N CYS A 230 -11.13 -0.28 -4.55
CA CYS A 230 -10.64 -1.54 -4.00
C CYS A 230 -11.19 -1.80 -2.61
N GLY A 231 -11.25 -0.77 -1.77
CA GLY A 231 -11.68 -0.93 -0.39
C GLY A 231 -13.17 -0.95 -0.15
N LEU A 232 -13.99 -0.85 -1.19
CA LEU A 232 -15.43 -0.80 -1.00
C LEU A 232 -16.06 -2.16 -0.75
N ASN A 233 -15.41 -3.25 -1.17
CA ASN A 233 -15.96 -4.59 -0.99
C ASN A 233 -14.85 -5.58 -0.65
N LYS A 234 -14.05 -5.26 0.34
CA LYS A 234 -13.03 -6.19 0.80
C LYS A 234 -13.65 -7.19 1.78
N PRO A 235 -13.15 -8.43 1.83
CA PRO A 235 -12.07 -9.04 1.05
C PRO A 235 -12.53 -9.93 -0.10
N ASN A 236 -11.58 -10.31 -0.96
CA ASN A 236 -11.80 -11.31 -2.01
C ASN A 236 -12.88 -10.87 -3.01
N ARG A 237 -12.99 -9.56 -3.25
CA ARG A 237 -13.90 -9.05 -4.25
C ARG A 237 -13.23 -7.88 -4.97
N GLN A 238 -13.77 -7.52 -6.13
CA GLN A 238 -13.29 -6.38 -6.88
C GLN A 238 -14.45 -5.47 -7.22
N THR A 239 -14.18 -4.17 -7.27
CA THR A 239 -15.23 -3.17 -7.47
C THR A 239 -14.87 -2.28 -8.66
N LEU A 240 -15.89 -2.02 -9.49
CA LEU A 240 -15.75 -1.16 -10.65
C LEU A 240 -16.42 0.18 -10.33
N VAL A 241 -15.65 1.26 -10.42
CA VAL A 241 -16.14 2.61 -10.16
C VAL A 241 -16.11 3.35 -11.49
N SER A 242 -17.27 3.54 -12.10
CA SER A 242 -17.38 4.25 -13.36
C SER A 242 -17.31 5.76 -13.13
N HIS A 243 -17.08 6.50 -14.21
CA HIS A 243 -17.08 7.95 -14.12
C HIS A 243 -18.43 8.47 -13.63
N GLY A 244 -19.52 7.89 -14.14
CA GLY A 244 -20.86 8.33 -13.76
C GLY A 244 -21.21 8.07 -12.32
N SER A 245 -20.53 7.14 -11.65
CA SER A 245 -20.84 6.83 -10.27
C SER A 245 -20.26 7.85 -9.28
N VAL A 246 -19.40 8.73 -9.75
CA VAL A 246 -18.60 9.60 -8.86
C VAL A 246 -19.51 10.59 -8.12
N PRO A 247 -20.40 11.32 -8.81
CA PRO A 247 -21.22 12.31 -8.07
C PRO A 247 -21.91 11.75 -6.84
N GLN A 248 -22.60 10.61 -6.96
CA GLN A 248 -23.26 10.04 -5.78
C GLN A 248 -22.24 9.47 -4.80
N LEU A 249 -21.18 8.83 -5.30
CA LEU A 249 -20.18 8.25 -4.43
C LEU A 249 -19.49 9.33 -3.59
N PHE A 250 -19.12 10.44 -4.21
CA PHE A 250 -18.41 11.51 -3.51
C PHE A 250 -19.33 12.37 -2.66
N SER A 251 -20.66 12.29 -2.87
CA SER A 251 -21.57 13.18 -2.15
C SER A 251 -21.53 12.92 -0.66
N GLN A 252 -21.23 11.69 -0.24
CA GLN A 252 -21.16 11.33 1.17
C GLN A 252 -19.81 10.73 1.54
N MET A 253 -18.79 10.93 0.70
CA MET A 253 -17.48 10.33 0.93
C MET A 253 -16.65 11.29 1.77
N PRO A 254 -16.29 10.94 3.00
CA PRO A 254 -15.43 11.84 3.79
C PRO A 254 -14.13 12.16 3.05
N ILE A 255 -13.70 13.41 3.16
CA ILE A 255 -12.52 13.86 2.41
C ILE A 255 -11.30 13.02 2.74
N ARG A 256 -11.17 12.60 4.01
CA ARG A 256 -10.00 11.86 4.44
C ARG A 256 -9.86 10.50 3.76
N LYS A 257 -10.88 10.04 3.05
CA LYS A 257 -10.82 8.71 2.44
C LYS A 257 -10.08 8.69 1.11
N ILE A 258 -9.89 9.84 0.48
CA ILE A 258 -9.17 9.92 -0.78
C ILE A 258 -7.68 9.98 -0.50
N ARG A 259 -6.89 9.25 -1.29
CA ARG A 259 -5.46 9.15 -1.04
C ARG A 259 -4.79 10.51 -1.14
N SER A 260 -3.95 10.82 -0.16
CA SER A 260 -3.19 12.06 0.00
C SER A 260 -3.96 13.10 0.81
N LEU A 261 -5.24 12.87 1.12
CA LEU A 261 -6.02 13.76 1.94
C LEU A 261 -6.34 13.17 3.32
N GLY A 262 -5.62 12.11 3.70
CA GLY A 262 -5.85 11.50 5.01
C GLY A 262 -5.14 12.18 6.16
N GLY A 263 -4.31 13.18 5.89
CA GLY A 263 -3.54 13.83 6.93
C GLY A 263 -3.81 15.32 7.08
N LYS A 264 -2.74 16.10 7.17
CA LYS A 264 -2.88 17.52 7.49
C LYS A 264 -3.59 18.29 6.38
N LEU A 265 -3.23 18.03 5.13
CA LEU A 265 -3.88 18.74 4.02
C LEU A 265 -5.38 18.53 4.03
N GLY A 266 -5.82 17.27 4.12
CA GLY A 266 -7.25 17.00 4.14
C GLY A 266 -7.96 17.70 5.29
N ALA A 267 -7.30 17.80 6.44
CA ALA A 267 -7.89 18.47 7.59
C ALA A 267 -7.99 19.97 7.36
N SER A 268 -7.00 20.56 6.66
CA SER A 268 -7.07 21.98 6.35
C SER A 268 -8.14 22.27 5.31
N VAL A 269 -8.33 21.36 4.34
CA VAL A 269 -9.44 21.48 3.42
C VAL A 269 -10.76 21.52 4.19
N ILE A 270 -10.90 20.66 5.20
CA ILE A 270 -12.14 20.61 5.96
C ILE A 270 -12.29 21.86 6.82
N GLU A 271 -11.20 22.30 7.46
CA GLU A 271 -11.30 23.42 8.38
C GLU A 271 -11.46 24.74 7.65
N ILE A 272 -10.75 24.91 6.52
CA ILE A 272 -10.76 26.20 5.83
C ILE A 272 -12.04 26.37 5.02
N LEU A 273 -12.46 25.33 4.29
CA LEU A 273 -13.64 25.42 3.44
C LEU A 273 -14.92 25.14 4.18
N GLY A 274 -14.86 24.56 5.38
CA GLY A 274 -16.07 24.24 6.12
C GLY A 274 -16.93 23.21 5.43
N ILE A 275 -16.32 22.15 4.89
CA ILE A 275 -17.02 21.08 4.20
C ILE A 275 -16.63 19.75 4.84
N GLU A 276 -17.41 18.72 4.52
CA GLU A 276 -17.19 17.38 5.05
C GLU A 276 -16.88 16.34 3.99
N TYR A 277 -17.43 16.47 2.78
CA TYR A 277 -17.41 15.39 1.82
C TYR A 277 -16.71 15.82 0.53
N MET A 278 -16.14 14.83 -0.15
CA MET A 278 -15.35 15.11 -1.36
C MET A 278 -16.17 15.86 -2.39
N GLY A 279 -17.45 15.50 -2.53
CA GLY A 279 -18.27 16.13 -3.55
C GLY A 279 -18.44 17.62 -3.36
N GLU A 280 -18.44 18.10 -2.11
CA GLU A 280 -18.65 19.51 -1.84
C GLU A 280 -17.57 20.39 -2.46
N LEU A 281 -16.42 19.82 -2.83
CA LEU A 281 -15.34 20.61 -3.42
C LEU A 281 -15.70 21.17 -4.78
N THR A 282 -16.71 20.61 -5.45
CA THR A 282 -17.03 21.06 -6.81
C THR A 282 -17.53 22.50 -6.84
N GLN A 283 -18.04 23.02 -5.73
N GLN A 283 -18.03 23.02 -5.73
CA GLN A 283 -18.60 24.36 -5.70
CA GLN A 283 -18.59 24.36 -5.68
C GLN A 283 -17.55 25.45 -5.57
C GLN A 283 -17.54 25.45 -5.56
N PHE A 284 -16.27 25.11 -5.69
CA PHE A 284 -15.19 26.08 -5.60
C PHE A 284 -14.47 26.15 -6.95
N THR A 285 -13.95 27.33 -7.26
CA THR A 285 -13.20 27.51 -8.48
C THR A 285 -11.78 26.98 -8.30
N GLU A 286 -11.13 26.68 -9.43
CA GLU A 286 -9.74 26.23 -9.37
C GLU A 286 -8.86 27.29 -8.73
N SER A 287 -9.08 28.56 -9.05
CA SER A 287 -8.31 29.63 -8.43
C SER A 287 -8.54 29.68 -6.93
N GLN A 288 -9.78 29.44 -6.50
CA GLN A 288 -10.07 29.39 -5.07
C GLN A 288 -9.25 28.30 -4.39
N LEU A 289 -9.33 27.07 -4.90
CA LEU A 289 -8.60 25.97 -4.29
C LEU A 289 -7.10 26.20 -4.33
N GLN A 290 -6.60 26.84 -5.39
CA GLN A 290 -5.18 27.14 -5.47
C GLN A 290 -4.77 28.20 -4.45
N SER A 291 -5.65 29.18 -4.21
CA SER A 291 -5.33 30.23 -3.25
CA SER A 291 -5.33 30.23 -3.25
C SER A 291 -5.19 29.68 -1.84
N HIS A 292 -5.97 28.66 -1.49
CA HIS A 292 -5.91 28.10 -0.15
C HIS A 292 -4.82 27.06 0.02
N PHE A 293 -4.58 26.23 -1.01
CA PHE A 293 -3.75 25.05 -0.86
C PHE A 293 -2.58 25.00 -1.84
N GLY A 294 -2.37 26.03 -2.65
CA GLY A 294 -1.25 26.07 -3.55
C GLY A 294 -1.64 25.70 -4.98
N GLU A 295 -0.79 26.11 -5.92
CA GLU A 295 -1.08 25.89 -7.33
C GLU A 295 -1.32 24.42 -7.63
N LYS A 296 -0.39 23.56 -7.21
CA LYS A 296 -0.49 22.14 -7.54
C LYS A 296 -1.68 21.48 -6.84
N ASN A 297 -1.77 21.64 -5.52
CA ASN A 297 -2.86 21.02 -4.77
C ASN A 297 -4.22 21.52 -5.26
N GLY A 298 -4.34 22.83 -5.53
CA GLY A 298 -5.61 23.37 -5.98
C GLY A 298 -6.05 22.77 -7.29
N SER A 299 -5.15 22.73 -8.27
CA SER A 299 -5.48 22.10 -9.54
C SER A 299 -5.85 20.64 -9.37
N TRP A 300 -5.14 19.94 -8.47
CA TRP A 300 -5.42 18.52 -8.25
C TRP A 300 -6.79 18.33 -7.60
N LEU A 301 -7.14 19.20 -6.64
CA LEU A 301 -8.42 19.07 -5.96
C LEU A 301 -9.58 19.42 -6.89
N TYR A 302 -9.42 20.48 -7.70
CA TYR A 302 -10.47 20.86 -8.64
C TYR A 302 -10.82 19.71 -9.57
N ALA A 303 -9.81 19.00 -10.06
CA ALA A 303 -10.06 17.86 -10.96
C ALA A 303 -10.51 16.64 -10.19
N MET A 304 -9.96 16.41 -8.99
CA MET A 304 -10.21 15.15 -8.29
C MET A 304 -11.65 15.05 -7.80
N CYS A 305 -12.20 16.14 -7.25
CA CYS A 305 -13.58 16.11 -6.80
C CYS A 305 -14.55 15.84 -7.94
N ARG A 306 -14.09 15.94 -9.18
CA ARG A 306 -14.87 15.58 -10.36
C ARG A 306 -14.51 14.20 -10.89
N GLY A 307 -13.66 13.46 -10.18
CA GLY A 307 -13.26 12.14 -10.60
C GLY A 307 -12.13 12.10 -11.60
N ILE A 308 -11.42 13.20 -11.81
CA ILE A 308 -10.37 13.31 -12.81
C ILE A 308 -9.02 13.38 -12.10
N GLU A 309 -8.06 12.59 -12.58
CA GLU A 309 -6.72 12.55 -12.03
C GLU A 309 -5.80 11.95 -13.07
N HIS A 310 -4.57 12.46 -13.16
CA HIS A 310 -3.67 12.10 -14.25
C HIS A 310 -2.35 11.51 -13.78
N ASP A 311 -2.18 11.25 -12.48
CA ASP A 311 -0.97 10.59 -12.01
C ASP A 311 -0.80 9.28 -12.78
N PRO A 312 0.27 9.11 -13.57
CA PRO A 312 0.42 7.88 -14.36
C PRO A 312 0.83 6.70 -13.51
N VAL A 313 0.52 5.51 -14.02
CA VAL A 313 1.00 4.26 -13.44
C VAL A 313 2.47 4.13 -13.83
N LYS A 314 3.36 4.25 -12.86
CA LYS A 314 4.79 4.26 -13.15
C LYS A 314 5.31 2.86 -13.38
N PRO A 315 6.09 2.61 -14.44
CA PRO A 315 6.65 1.28 -14.64
C PRO A 315 7.74 0.99 -13.63
N ARG A 316 7.36 0.46 -12.47
CA ARG A 316 8.31 0.27 -11.37
C ARG A 316 7.88 -0.97 -10.59
N GLN A 317 8.52 -2.10 -10.86
CA GLN A 317 8.21 -3.33 -10.16
C GLN A 317 9.07 -3.54 -8.92
N LEU A 318 10.21 -2.85 -8.82
CA LEU A 318 11.12 -3.01 -7.69
C LEU A 318 11.07 -1.78 -6.80
N PRO A 319 11.32 -1.94 -5.50
CA PRO A 319 11.46 -0.76 -4.64
C PRO A 319 12.67 0.07 -5.03
N LYS A 320 12.56 1.38 -4.80
CA LYS A 320 13.65 2.31 -5.10
C LYS A 320 14.71 2.34 -4.01
N THR A 321 14.39 1.84 -2.81
CA THR A 321 15.30 1.89 -1.68
C THR A 321 15.22 0.58 -0.92
N ILE A 322 16.29 0.28 -0.19
CA ILE A 322 16.38 -0.91 0.65
C ILE A 322 16.86 -0.44 2.01
N GLY A 323 15.98 -0.51 3.01
CA GLY A 323 16.26 0.08 4.30
C GLY A 323 16.10 -0.92 5.45
N CYS A 324 16.76 -0.59 6.55
N CYS A 324 16.72 -0.57 6.56
N CYS A 324 16.70 -0.55 6.57
CA CYS A 324 16.69 -1.36 7.78
CA CYS A 324 16.63 -1.39 7.77
CA CYS A 324 16.67 -1.40 7.77
C CYS A 324 16.67 -0.40 8.95
C CYS A 324 16.72 -0.47 8.98
C CYS A 324 16.74 -0.49 8.99
N SER A 325 15.82 -0.68 9.93
CA SER A 325 15.73 0.17 11.11
C SER A 325 15.32 -0.64 12.32
N LYS A 326 15.48 -0.02 13.49
CA LYS A 326 15.01 -0.58 14.75
C LYS A 326 14.83 0.55 15.74
N ASN A 327 13.73 0.51 16.48
CA ASN A 327 13.50 1.45 17.57
C ASN A 327 14.06 0.89 18.87
N PHE A 328 14.44 1.81 19.76
CA PHE A 328 14.98 1.46 21.07
C PHE A 328 14.20 2.24 22.11
N PRO A 329 13.01 1.76 22.48
CA PRO A 329 12.10 2.56 23.30
C PRO A 329 12.49 2.58 24.77
N GLY A 330 11.93 3.56 25.47
CA GLY A 330 12.08 3.68 26.91
C GLY A 330 13.50 3.46 27.41
N LYS A 331 13.66 2.50 28.33
CA LYS A 331 14.94 2.25 28.97
C LYS A 331 15.92 1.49 28.07
N THR A 332 15.48 1.01 26.91
CA THR A 332 16.38 0.31 26.01
C THR A 332 17.17 1.26 25.11
N ALA A 333 16.99 2.57 25.27
CA ALA A 333 17.72 3.54 24.45
C ALA A 333 19.22 3.30 24.56
N LEU A 334 19.93 3.57 23.47
CA LEU A 334 21.36 3.30 23.39
C LEU A 334 22.12 4.47 24.00
N ALA A 335 22.82 4.21 25.11
CA ALA A 335 23.50 5.25 25.87
C ALA A 335 25.01 5.10 25.85
N THR A 336 25.55 4.13 25.12
CA THR A 336 26.99 3.88 25.08
C THR A 336 27.43 3.75 23.63
N ARG A 337 28.58 4.33 23.31
CA ARG A 337 29.13 4.18 21.97
C ARG A 337 29.24 2.72 21.58
N GLU A 338 29.51 1.84 22.55
CA GLU A 338 29.57 0.40 22.27
C GLU A 338 28.22 -0.13 21.82
N GLN A 339 27.14 0.34 22.45
CA GLN A 339 25.80 -0.07 22.04
C GLN A 339 25.52 0.36 20.61
N VAL A 340 25.74 1.64 20.31
CA VAL A 340 25.51 2.14 18.95
C VAL A 340 26.36 1.38 17.95
N GLN A 341 27.59 1.03 18.34
CA GLN A 341 28.47 0.31 17.44
C GLN A 341 27.93 -1.07 17.11
N TRP A 342 27.40 -1.78 18.11
CA TRP A 342 26.95 -3.15 17.87
C TRP A 342 25.67 -3.19 17.07
N TRP A 343 24.74 -2.27 17.33
CA TRP A 343 23.46 -2.29 16.62
C TRP A 343 23.61 -1.79 15.18
N LEU A 344 24.39 -0.73 14.97
CA LEU A 344 24.70 -0.32 13.60
C LEU A 344 25.26 -1.48 12.79
N LEU A 345 25.97 -2.40 13.46
CA LEU A 345 26.49 -3.57 12.75
C LEU A 345 25.40 -4.59 12.46
N GLN A 346 24.47 -4.79 13.39
CA GLN A 346 23.34 -5.69 13.11
C GLN A 346 22.56 -5.22 11.90
N LEU A 347 22.22 -3.94 11.86
CA LEU A 347 21.52 -3.39 10.71
C LEU A 347 22.34 -3.55 9.44
N ALA A 348 23.61 -3.15 9.48
CA ALA A 348 24.46 -3.24 8.30
C ALA A 348 24.52 -4.68 7.77
N GLN A 349 24.50 -5.66 8.67
CA GLN A 349 24.61 -7.05 8.24
C GLN A 349 23.37 -7.50 7.50
N GLU A 350 22.18 -7.15 8.01
CA GLU A 350 20.97 -7.48 7.27
C GLU A 350 20.90 -6.72 5.96
N LEU A 351 21.37 -5.47 5.96
CA LEU A 351 21.37 -4.68 4.73
C LEU A 351 22.30 -5.28 3.69
N GLU A 352 23.50 -5.68 4.10
CA GLU A 352 24.43 -6.33 3.18
C GLU A 352 23.80 -7.57 2.57
N GLU A 353 23.20 -8.40 3.42
CA GLU A 353 22.49 -9.60 2.97
C GLU A 353 21.46 -9.25 1.89
N ARG A 354 20.60 -8.27 2.18
CA ARG A 354 19.57 -7.88 1.24
C ARG A 354 20.14 -7.18 0.01
N LEU A 355 21.22 -6.41 0.17
CA LEU A 355 21.80 -5.71 -0.97
C LEU A 355 22.47 -6.68 -1.94
N THR A 356 23.24 -7.64 -1.41
CA THR A 356 23.86 -8.64 -2.27
C THR A 356 22.83 -9.41 -3.07
N LYS A 357 21.76 -9.85 -2.40
CA LYS A 357 20.68 -10.52 -3.09
C LYS A 357 20.07 -9.63 -4.16
N ASP A 358 19.80 -8.37 -3.83
CA ASP A 358 19.22 -7.45 -4.79
C ASP A 358 20.10 -7.29 -6.02
N ARG A 359 21.41 -7.13 -5.80
CA ARG A 359 22.34 -6.97 -6.92
C ARG A 359 22.32 -8.19 -7.84
N ASN A 360 22.29 -9.39 -7.26
CA ASN A 360 22.28 -10.60 -8.07
C ASN A 360 20.96 -10.77 -8.81
N ASP A 361 19.85 -10.36 -8.19
CA ASP A 361 18.54 -10.60 -8.79
C ASP A 361 18.13 -9.55 -9.80
N ASN A 362 18.57 -8.29 -9.62
CA ASN A 362 18.01 -7.17 -10.37
C ASN A 362 19.06 -6.33 -11.09
N ASP A 363 20.31 -6.79 -11.15
CA ASP A 363 21.36 -6.12 -11.93
C ASP A 363 21.40 -4.61 -11.63
N ARG A 364 21.71 -4.29 -10.38
CA ARG A 364 21.82 -2.90 -9.96
C ARG A 364 22.57 -2.85 -8.64
N VAL A 365 23.14 -1.68 -8.36
CA VAL A 365 23.92 -1.46 -7.15
C VAL A 365 23.51 -0.14 -6.53
N ALA A 366 23.35 -0.13 -5.21
CA ALA A 366 23.11 1.11 -4.49
C ALA A 366 24.41 1.88 -4.33
N THR A 367 24.33 3.20 -4.45
CA THR A 367 25.51 4.06 -4.42
C THR A 367 25.53 5.03 -3.25
N GLN A 368 24.46 5.12 -2.47
CA GLN A 368 24.41 6.05 -1.35
C GLN A 368 23.80 5.37 -0.14
N LEU A 369 24.43 5.59 1.02
CA LEU A 369 23.95 5.07 2.29
C LEU A 369 23.40 6.22 3.11
N VAL A 370 22.11 6.16 3.44
CA VAL A 370 21.45 7.16 4.27
C VAL A 370 21.41 6.64 5.69
N VAL A 371 21.85 7.46 6.64
CA VAL A 371 21.87 7.12 8.06
C VAL A 371 20.96 8.10 8.79
N SER A 372 20.01 7.56 9.53
CA SER A 372 19.09 8.38 10.31
C SER A 372 18.99 7.82 11.73
N ILE A 373 18.78 8.72 12.69
CA ILE A 373 18.67 8.36 14.09
C ILE A 373 17.58 9.21 14.72
N ARG A 374 17.03 8.71 15.83
CA ARG A 374 16.20 9.53 16.70
C ARG A 374 16.86 9.63 18.06
N VAL A 375 16.68 10.78 18.70
CA VAL A 375 17.28 11.09 19.98
C VAL A 375 16.18 11.09 21.03
N GLN A 376 16.43 10.45 22.16
CA GLN A 376 15.43 10.33 23.22
C GLN A 376 14.91 11.71 23.59
N GLY A 377 13.59 11.87 23.50
CA GLY A 377 12.93 13.12 23.83
C GLY A 377 12.50 13.94 22.62
N ASP A 378 13.03 13.65 21.44
CA ASP A 378 12.65 14.36 20.24
C ASP A 378 11.20 14.01 19.87
N LYS A 379 10.36 15.04 19.76
CA LYS A 379 8.95 14.81 19.46
C LYS A 379 8.76 14.09 18.12
N ARG A 380 9.64 14.36 17.16
CA ARG A 380 9.50 13.79 15.83
C ARG A 380 10.03 12.36 15.80
N LEU A 381 9.70 11.64 14.73
CA LEU A 381 10.12 10.24 14.60
C LEU A 381 11.54 10.12 14.05
N SER A 382 12.08 11.16 13.43
CA SER A 382 13.48 11.20 13.03
C SER A 382 14.06 12.55 13.41
N SER A 383 15.32 12.54 13.84
CA SER A 383 15.99 13.75 14.32
C SER A 383 17.17 14.18 13.46
N LEU A 384 17.80 13.26 12.73
CA LEU A 384 18.93 13.59 11.89
C LEU A 384 18.99 12.59 10.74
N ARG A 385 19.31 13.09 9.55
CA ARG A 385 19.43 12.26 8.36
C ARG A 385 20.67 12.70 7.60
N ARG A 386 21.64 11.79 7.47
CA ARG A 386 22.89 12.07 6.78
C ARG A 386 23.16 10.96 5.78
N CYS A 387 23.81 11.33 4.68
CA CYS A 387 24.13 10.39 3.62
C CYS A 387 25.64 10.34 3.41
N CYS A 388 26.13 9.17 3.01
CA CYS A 388 27.53 8.99 2.67
C CYS A 388 27.62 7.98 1.54
N ALA A 389 28.76 7.98 0.87
CA ALA A 389 28.96 7.09 -0.27
C ALA A 389 28.82 5.63 0.16
N LEU A 390 28.25 4.82 -0.72
CA LEU A 390 28.12 3.37 -0.51
C LEU A 390 28.96 2.72 -1.60
N THR A 391 30.25 2.54 -1.31
CA THR A 391 31.18 2.03 -2.30
C THR A 391 31.31 0.52 -2.29
N ARG A 392 30.93 -0.14 -1.20
CA ARG A 392 31.09 -1.58 -1.08
C ARG A 392 29.94 -2.18 -0.28
N TYR A 393 29.48 -3.35 -0.69
CA TYR A 393 28.51 -4.12 0.09
C TYR A 393 29.25 -4.86 1.19
N ASP A 394 29.72 -4.09 2.17
CA ASP A 394 30.47 -4.61 3.31
C ASP A 394 29.82 -4.07 4.58
N ALA A 395 29.31 -4.97 5.41
CA ALA A 395 28.57 -4.55 6.60
C ALA A 395 29.45 -3.76 7.56
N HIS A 396 30.69 -4.19 7.74
CA HIS A 396 31.58 -3.50 8.68
C HIS A 396 31.91 -2.10 8.19
N LYS A 397 32.12 -1.93 6.88
CA LYS A 397 32.37 -0.59 6.36
C LYS A 397 31.11 0.27 6.47
N MET A 398 29.97 -0.26 6.04
CA MET A 398 28.72 0.49 6.16
C MET A 398 28.45 0.90 7.59
N SER A 399 28.65 -0.01 8.54
CA SER A 399 28.41 0.31 9.94
C SER A 399 29.45 1.29 10.47
N HIS A 400 30.71 1.14 10.07
CA HIS A 400 31.73 2.09 10.49
C HIS A 400 31.45 3.48 9.92
N ASP A 401 31.14 3.55 8.62
CA ASP A 401 30.82 4.84 8.02
C ASP A 401 29.62 5.49 8.70
N ALA A 402 28.57 4.71 8.94
CA ALA A 402 27.37 5.26 9.57
C ALA A 402 27.68 5.84 10.93
N PHE A 403 28.51 5.14 11.72
CA PHE A 403 28.92 5.71 12.99
C PHE A 403 29.65 7.04 12.78
N THR A 404 30.52 7.10 11.77
CA THR A 404 31.28 8.31 11.53
C THR A 404 30.37 9.51 11.24
N VAL A 405 29.28 9.28 10.49
CA VAL A 405 28.44 10.41 10.08
C VAL A 405 27.53 10.89 11.21
N ILE A 406 27.22 10.05 12.20
CA ILE A 406 26.40 10.46 13.33
C ILE A 406 27.24 10.78 14.56
N LYS A 407 28.47 10.26 14.65
CA LYS A 407 29.35 10.45 15.79
C LYS A 407 29.31 11.86 16.39
N ASN A 408 29.40 12.90 15.55
CA ASN A 408 29.37 14.28 16.01
C ASN A 408 28.16 14.62 16.86
N MET A 409 27.15 13.74 16.87
CA MET A 409 25.92 13.98 17.62
C MET A 409 26.04 13.67 19.10
N ASN A 410 27.12 13.06 19.54
CA ASN A 410 27.26 12.73 20.94
C ASN A 410 27.72 13.97 21.71
N THR A 411 26.93 14.36 22.71
CA THR A 411 27.23 15.54 23.52
C THR A 411 27.93 15.16 24.83
N SER A 412 28.57 14.00 24.86
CA SER A 412 29.20 13.50 26.07
C SER A 412 30.70 13.50 25.83
N GLY A 413 31.40 14.46 26.44
CA GLY A 413 32.85 14.44 26.39
C GLY A 413 33.41 13.09 26.76
N ILE A 414 32.74 12.37 27.66
CA ILE A 414 33.12 11.00 27.99
C ILE A 414 32.97 10.17 26.72
N GLN A 415 34.09 9.74 26.15
CA GLN A 415 34.06 9.08 24.84
C GLN A 415 33.17 7.85 24.85
N THR A 416 33.10 7.14 25.98
CA THR A 416 32.36 5.88 26.05
C THR A 416 30.87 6.08 26.17
N GLU A 417 30.44 7.22 26.70
CA GLU A 417 29.03 7.47 26.88
C GLU A 417 28.41 7.97 25.59
N TRP A 418 27.08 7.95 25.56
CA TRP A 418 26.33 8.51 24.44
C TRP A 418 25.12 9.23 25.01
N SER A 419 25.09 10.55 24.83
CA SER A 419 23.90 11.28 25.22
C SER A 419 23.58 12.34 24.17
N PRO A 420 22.28 12.64 23.96
CA PRO A 420 21.19 11.94 24.64
C PRO A 420 21.04 10.52 24.08
N PRO A 421 20.41 9.62 24.83
CA PRO A 421 20.28 8.24 24.35
C PRO A 421 19.58 8.19 23.00
N LEU A 422 20.01 7.24 22.17
CA LEU A 422 19.46 7.08 20.83
C LEU A 422 18.31 6.08 20.88
N THR A 423 17.13 6.51 20.42
CA THR A 423 15.95 5.67 20.42
C THR A 423 15.62 5.08 19.04
N MET A 424 16.47 5.30 18.04
N MET A 424 16.46 5.31 18.03
CA MET A 424 16.21 4.76 16.72
CA MET A 424 16.21 4.76 16.71
C MET A 424 17.48 4.78 15.89
C MET A 424 17.50 4.75 15.91
N LEU A 425 17.68 3.71 15.11
CA LEU A 425 18.75 3.63 14.12
C LEU A 425 18.12 3.22 12.80
N PHE A 426 18.64 3.78 11.70
N PHE A 426 18.63 3.82 11.72
CA PHE A 426 18.03 3.60 10.39
CA PHE A 426 18.06 3.60 10.39
C PHE A 426 19.11 3.70 9.32
C PHE A 426 19.18 3.66 9.37
N LEU A 427 19.31 2.61 8.58
CA LEU A 427 20.23 2.57 7.44
C LEU A 427 19.42 2.30 6.18
N CYS A 428 19.72 3.05 5.12
CA CYS A 428 18.97 2.92 3.88
C CYS A 428 19.90 3.07 2.69
N ALA A 429 19.83 2.10 1.77
CA ALA A 429 20.60 2.14 0.54
C ALA A 429 19.73 2.74 -0.57
N THR A 430 20.25 3.78 -1.22
CA THR A 430 19.50 4.54 -2.21
C THR A 430 20.39 4.80 -3.42
N LYS A 431 19.82 5.47 -4.42
CA LYS A 431 20.55 5.91 -5.60
C LYS A 431 21.18 4.72 -6.34
N PHE A 432 20.28 3.93 -6.93
CA PHE A 432 20.69 2.73 -7.66
C PHE A 432 21.15 3.08 -9.06
N SER A 433 22.14 2.32 -9.54
CA SER A 433 22.62 2.41 -10.91
C SER A 433 22.68 1.00 -11.48
N ALA A 434 22.44 0.89 -12.79
CA ALA A 434 22.47 -0.41 -13.44
C ALA A 434 23.83 -1.07 -13.24
N SER A 435 23.82 -2.39 -13.15
CA SER A 435 25.03 -3.15 -12.88
C SER A 435 25.02 -4.49 -13.61
P CAR C 4 8.04 1.07 19.65
OP1 CAR C 4 8.69 0.17 20.68
OP2 CAR C 4 8.53 2.50 19.47
O5' CAR C 4 8.12 0.32 18.26
C5' CAR C 4 7.73 -1.05 18.17
C4' CAR C 4 7.81 -1.58 16.76
O4' CAR C 4 6.64 -1.13 16.03
C3' CAR C 4 9.04 -1.11 15.96
O3' CAR C 4 9.78 -2.22 15.51
C2' CAR C 4 8.46 -0.36 14.75
O2' CAR C 4 8.57 1.05 14.80
C1' CAR C 4 7.01 -0.86 14.70
N1 CAR C 4 6.05 0.11 14.13
C2 CAR C 4 5.27 -0.25 13.01
O2 CAR C 4 5.40 -1.38 12.49
N3 CAR C 4 4.38 0.62 12.49
C4 CAR C 4 4.21 1.84 13.02
N4 CAR C 4 3.33 2.73 12.50
C5 CAR C 4 4.97 2.22 14.13
C6 CAR C 4 5.87 1.32 14.67
H5' CAR C 4 6.71 -1.16 18.53
H5'' CAR C 4 8.37 -1.65 18.81
H4' CAR C 4 7.83 -2.68 16.79
H3' CAR C 4 9.65 -0.43 16.58
H2' CAR C 4 8.97 -0.72 13.85
HO2' CAR C 4 9.50 1.29 14.84
H1' CAR C 4 6.98 -1.78 14.11
HN41 CAR C 4 3.21 3.64 12.91
HN42 CAR C 4 2.77 2.47 11.69
H5 CAR C 4 4.84 3.20 14.57
H6 CAR C 4 6.47 1.61 15.53
MG MG D . -3.61 -5.42 1.99
MG MG E . -2.07 -2.82 0.88
N1 DZ4 F . 3.58 -1.69 10.48
C2 DZ4 F . 4.10 -2.87 10.07
N3 DZ4 F . 3.58 -3.59 9.05
C4 DZ4 F . 2.51 -3.14 8.36
C5 DZ4 F . 1.91 -1.85 8.75
C6 DZ4 F . 2.52 -1.13 9.88
N6 DZ4 F . 2.00 0.06 10.28
N7 DZ4 F . 0.87 -1.64 7.92
C8 DZ4 F . 0.80 -2.69 7.07
N9 DZ4 F . 1.78 -3.58 7.33
PA DZ4 F . -2.44 -3.39 4.40
PB DZ4 F . -3.71 -6.02 5.12
PG DZ4 F . -6.30 -5.67 4.12
C1' DZ4 F . 2.00 -4.84 6.60
O1A DZ4 F . -2.90 -3.65 3.01
O1B DZ4 F . -3.27 -6.35 3.75
O1G DZ4 F . -5.40 -5.25 2.99
C2' DZ4 F . 1.06 -5.89 7.16
O2A DZ4 F . -2.65 -1.85 4.79
O2B DZ4 F . -2.95 -6.97 6.17
O2G DZ4 F . -7.18 -6.86 3.82
C3' DZ4 F . 0.01 -6.12 6.08
O3' DZ4 F . -0.34 -7.50 5.98
N3A DZ4 F . -3.33 -4.36 5.52
O3B DZ4 F . -5.30 -6.21 5.26
O3G DZ4 F . -7.01 -4.52 4.80
C4' DZ4 F . 0.67 -5.60 4.81
O4' DZ4 F . 1.69 -4.68 5.22
C5' DZ4 F . -0.32 -4.91 3.89
O5' DZ4 F . -0.87 -3.76 4.54
H2 DZ4 F . 4.96 -3.27 10.60
HN6 DZ4 F . 1.20 0.44 9.80
HN6A DZ4 F . 2.41 0.55 11.05
H8 DZ4 F . 0.07 -2.80 6.29
H1' DZ4 F . 3.04 -5.20 6.72
H2' DZ4 F . 1.60 -6.82 7.37
H2'A DZ4 F . 0.58 -5.53 8.08
HO2A DZ4 F . -2.39 -1.53 5.66
HO2B DZ4 F . -3.10 -6.87 7.12
H3' DZ4 F . -0.87 -5.52 6.31
HN3A DZ4 F . -3.64 -3.97 6.40
H4' DZ4 F . 1.12 -6.44 4.27
H5' DZ4 F . -1.12 -5.60 3.62
H5'A DZ4 F . 0.18 -4.59 2.97
C1 GOL G . -22.15 16.48 -4.29
O1 GOL G . -21.36 17.19 -3.37
C2 GOL G . -21.23 15.85 -5.33
O2 GOL G . -21.06 14.48 -5.03
C3 GOL G . -21.76 16.00 -6.75
O3 GOL G . -20.67 16.23 -7.63
H11 GOL G . -22.85 17.16 -4.79
H12 GOL G . -22.72 15.70 -3.79
HO1 GOL G . -21.94 17.65 -2.74
H2 GOL G . -20.27 16.35 -5.28
HO2 GOL G . -21.93 14.03 -5.11
H31 GOL G . -22.47 16.83 -6.81
H32 GOL G . -22.28 15.08 -7.05
HO3 GOL G . -21.00 16.36 -8.53
C1 GOL H . -22.46 17.94 5.70
O1 GOL H . -23.55 17.36 5.05
C2 GOL H . -21.96 19.13 4.89
O2 GOL H . -23.04 19.98 4.57
C3 GOL H . -20.91 19.90 5.67
O3 GOL H . -20.57 21.09 4.98
H11 GOL H . -21.66 17.22 5.82
H12 GOL H . -22.76 18.29 6.70
HO1 GOL H . -23.84 16.57 5.54
H2 GOL H . -21.50 18.75 3.97
HO2 GOL H . -23.43 20.32 5.40
H31 GOL H . -20.02 19.30 5.80
H32 GOL H . -21.29 20.15 6.66
HO3 GOL H . -20.51 20.91 4.02
#